data_4APM
#
_entry.id   4APM
#
_cell.length_a   67.820
_cell.length_b   139.180
_cell.length_c   45.010
_cell.angle_alpha   90.00
_cell.angle_beta   90.00
_cell.angle_gamma   90.00
#
_symmetry.space_group_name_H-M   'P 21 21 2'
#
loop_
_entity.id
_entity.type
_entity.pdbx_description
1 polymer 'APICAL MEMBRANE ANTIGEN 1'
2 non-polymer 'CALCIUM ION'
3 non-polymer 'ACETATE ION'
4 non-polymer GLYCEROL
5 non-polymer (4S)-2-METHYL-2,4-PENTANEDIOL
6 water water
#
_entity_poly.entity_id   1
_entity_poly.type   'polypeptide(L)'
_entity_poly.pdbx_seq_one_letter_code
;GSAMGSTPKDIWGRYMAKFDLAKSHGSGIYVDLGGTERVGATQHRMPTGKCPVMGKVINLGNNADFLNRISAENPQDRGL
AFPDTAVAVTRNSNARNRAAAEKTEIILSPVSAADLVRWGYDGNDVANCAEYAGNIIPASDTATKYRYPFVYDAKEEMCH
ILFTPMQYNRGSRYCDNDGSQDEGTSSLLCMEPMKSGIDAHLYYGSSRVDKKWEENCPMYPVKDAIFGRGANGSCVAIES
AFEEFTRDAEECSALMFENAAADLEIDEEADNFDELKTLSDGLRNIKASKIAQALFSPIAKAGTSAKNSKGVGMNWANYD
SNTGLCRVIEETPNCLIIDAGSFAMTAVGSPLEQDAVPFPCDIVTNGYIEPRPRSRHRNTTPIFEVTTALSREALKCSKY
VHEKYSESCGTYYYCSEEKPSSWAFWRNLDAAALVPR
;
_entity_poly.pdbx_strand_id   A
#
# COMPACT_ATOMS: atom_id res chain seq x y z
N SER A 6 29.07 2.58 -0.18
CA SER A 6 28.87 1.48 0.80
C SER A 6 28.12 0.30 0.16
N THR A 7 27.46 -0.51 0.99
CA THR A 7 26.61 -1.59 0.50
C THR A 7 25.26 -1.04 -0.05
N PRO A 8 24.59 -1.80 -0.95
CA PRO A 8 23.23 -1.47 -1.41
C PRO A 8 22.22 -1.28 -0.28
N LYS A 9 22.05 -2.30 0.57
CA LYS A 9 21.26 -2.15 1.79
C LYS A 9 21.54 -0.79 2.46
N ASP A 10 22.83 -0.44 2.57
CA ASP A 10 23.24 0.80 3.24
C ASP A 10 22.82 2.06 2.48
N ILE A 11 23.15 2.16 1.20
CA ILE A 11 22.87 3.42 0.52
C ILE A 11 21.37 3.62 0.22
N TRP A 12 20.60 2.54 0.28
CA TRP A 12 19.15 2.59 0.10
C TRP A 12 18.39 2.75 1.41
N GLY A 13 19.09 2.58 2.52
CA GLY A 13 18.46 2.36 3.82
C GLY A 13 17.47 3.45 4.23
N ARG A 14 17.80 4.70 3.95
CA ARG A 14 16.92 5.79 4.34
C ARG A 14 15.64 5.78 3.52
N TYR A 15 15.80 5.64 2.20
CA TYR A 15 14.67 5.69 1.28
C TYR A 15 13.74 4.48 1.47
N MET A 16 14.32 3.34 1.78
CA MET A 16 13.62 2.06 1.69
C MET A 16 12.97 1.66 3.01
N ALA A 17 13.22 2.43 4.07
CA ALA A 17 12.66 2.12 5.39
C ALA A 17 11.13 2.02 5.33
N LYS A 18 10.50 2.92 4.60
CA LYS A 18 9.04 2.91 4.52
C LYS A 18 8.48 1.58 3.97
N PHE A 19 9.27 0.86 3.17
CA PHE A 19 8.75 -0.29 2.44
C PHE A 19 8.70 -1.52 3.35
N ASP A 20 9.35 -1.40 4.50
CA ASP A 20 9.27 -2.42 5.51
C ASP A 20 7.97 -2.20 6.30
N LEU A 21 6.88 -2.71 5.71
CA LEU A 21 5.53 -2.50 6.23
C LEU A 21 5.26 -3.12 7.63
N ALA A 22 6.03 -4.16 8.02
CA ALA A 22 6.00 -4.64 9.41
C ALA A 22 6.36 -3.52 10.41
N LYS A 23 7.33 -2.68 10.04
CA LYS A 23 7.69 -1.52 10.88
C LYS A 23 6.83 -0.28 10.64
N SER A 24 6.68 0.16 9.38
CA SER A 24 6.00 1.43 9.10
C SER A 24 4.48 1.38 9.28
N HIS A 25 3.89 0.20 9.06
CA HIS A 25 2.46 -0.02 9.28
C HIS A 25 2.20 -0.91 10.49
N GLY A 26 2.77 -2.11 10.51
CA GLY A 26 2.83 -2.94 11.72
C GLY A 26 1.57 -3.75 12.00
N SER A 27 0.61 -3.72 11.09
CA SER A 27 -0.62 -4.49 11.28
C SER A 27 -1.11 -5.02 9.91
N GLY A 28 -2.30 -5.58 9.88
CA GLY A 28 -2.83 -6.15 8.65
C GLY A 28 -3.26 -5.03 7.72
N ILE A 29 -3.36 -5.32 6.41
CA ILE A 29 -3.59 -4.30 5.39
C ILE A 29 -4.89 -4.64 4.68
N TYR A 30 -4.92 -5.83 4.11
CA TYR A 30 -6.16 -6.41 3.62
C TYR A 30 -7.26 -6.36 4.69
N VAL A 31 -6.99 -7.05 5.81
CA VAL A 31 -7.85 -6.95 7.01
C VAL A 31 -6.99 -6.53 8.21
N ASP A 32 -7.33 -5.38 8.78
CA ASP A 32 -6.58 -4.85 9.90
C ASP A 32 -7.42 -4.96 11.19
N LEU A 33 -7.02 -5.91 12.02
CA LEU A 33 -7.63 -6.16 13.31
C LEU A 33 -6.51 -6.39 14.32
N GLY A 34 -5.47 -5.59 14.25
CA GLY A 34 -4.22 -5.90 14.88
C GLY A 34 -4.19 -5.58 16.36
N GLY A 35 -5.24 -4.93 16.84
CA GLY A 35 -5.37 -4.61 18.26
C GLY A 35 -6.61 -5.18 18.94
N THR A 36 -6.49 -5.38 20.26
CA THR A 36 -7.60 -5.79 21.11
C THR A 36 -7.71 -4.88 22.31
N GLU A 37 -8.94 -4.50 22.65
CA GLU A 37 -9.20 -3.66 23.81
C GLU A 37 -10.48 -4.07 24.50
N ARG A 38 -10.41 -4.06 25.83
CA ARG A 38 -11.56 -4.30 26.68
C ARG A 38 -12.46 -3.08 26.64
N VAL A 39 -13.73 -3.33 26.34
CA VAL A 39 -14.78 -2.36 26.54
C VAL A 39 -15.80 -2.91 27.57
N GLY A 40 -15.56 -2.60 28.84
CA GLY A 40 -16.30 -3.22 29.93
C GLY A 40 -15.68 -4.54 30.31
N ALA A 41 -16.42 -5.62 30.10
CA ALA A 41 -15.93 -6.96 30.43
C ALA A 41 -15.34 -7.68 29.21
N THR A 42 -15.72 -7.24 28.01
CA THR A 42 -15.35 -7.96 26.78
C THR A 42 -14.07 -7.42 26.11
N GLN A 43 -13.34 -8.32 25.46
CA GLN A 43 -12.28 -7.94 24.54
C GLN A 43 -12.86 -7.78 23.12
N HIS A 44 -12.51 -6.70 22.46
CA HIS A 44 -12.90 -6.48 21.05
C HIS A 44 -11.69 -6.17 20.20
N ARG A 45 -11.65 -6.73 19.01
CA ARG A 45 -10.56 -6.45 18.09
C ARG A 45 -10.81 -5.15 17.31
N MET A 46 -9.74 -4.49 16.95
CA MET A 46 -9.81 -3.25 16.21
C MET A 46 -8.56 -3.08 15.32
N PRO A 47 -8.66 -2.25 14.27
CA PRO A 47 -7.51 -1.85 13.44
C PRO A 47 -6.54 -1.01 14.24
N THR A 48 -5.24 -1.14 13.95
CA THR A 48 -4.22 -0.39 14.66
C THR A 48 -3.09 -0.03 13.71
N GLY A 49 -3.24 -0.33 12.44
CA GLY A 49 -2.18 -0.04 11.46
C GLY A 49 -1.84 1.45 11.36
N LYS A 50 -0.55 1.72 11.12
CA LYS A 50 0.03 3.05 11.20
C LYS A 50 0.03 3.84 9.85
N CYS A 51 -0.22 3.13 8.75
CA CYS A 51 -0.42 3.72 7.45
C CYS A 51 -1.91 3.70 7.06
N PRO A 52 -2.40 4.80 6.48
CA PRO A 52 -3.69 4.71 5.80
C PRO A 52 -3.52 3.85 4.53
N VAL A 53 -4.60 3.24 4.09
CA VAL A 53 -4.59 2.34 2.94
C VAL A 53 -5.45 2.96 1.80
N MET A 54 -4.80 3.44 0.74
CA MET A 54 -5.54 4.12 -0.33
C MET A 54 -6.38 3.11 -1.13
N GLY A 55 -7.58 3.51 -1.51
CA GLY A 55 -8.39 2.66 -2.36
C GLY A 55 -9.03 1.47 -1.68
N LYS A 56 -8.85 1.33 -0.37
CA LYS A 56 -9.52 0.23 0.32
C LYS A 56 -10.97 0.56 0.53
N VAL A 57 -11.85 -0.24 -0.08
CA VAL A 57 -13.26 -0.18 0.19
C VAL A 57 -13.72 -1.55 0.70
N ILE A 58 -14.86 -1.57 1.35
CA ILE A 58 -15.46 -2.83 1.73
C ILE A 58 -16.70 -3.05 0.88
N ASN A 59 -16.68 -4.14 0.09
CA ASN A 59 -17.86 -4.55 -0.70
C ASN A 59 -18.93 -5.23 0.18
N LEU A 60 -20.16 -4.77 0.09
CA LEU A 60 -21.22 -5.27 0.97
C LEU A 60 -22.21 -6.20 0.25
N GLY A 61 -22.69 -7.21 0.99
CA GLY A 61 -23.69 -8.14 0.48
C GLY A 61 -24.94 -7.48 -0.11
N ASN A 62 -25.39 -6.41 0.53
CA ASN A 62 -26.56 -5.68 0.02
C ASN A 62 -26.22 -4.71 -1.10
N ASN A 63 -24.97 -4.73 -1.56
CA ASN A 63 -24.50 -3.81 -2.61
C ASN A 63 -24.57 -2.31 -2.29
N ALA A 64 -24.77 -1.96 -1.03
CA ALA A 64 -24.78 -0.55 -0.66
C ALA A 64 -23.34 -0.04 -0.49
N ASP A 65 -23.06 1.18 -0.95
CA ASP A 65 -21.77 1.81 -0.67
C ASP A 65 -21.46 1.79 0.84
N PHE A 66 -20.25 1.35 1.20
CA PHE A 66 -19.94 1.10 2.59
C PHE A 66 -19.96 2.37 3.43
N LEU A 67 -19.94 3.53 2.78
CA LEU A 67 -19.97 4.80 3.49
C LEU A 67 -21.39 5.30 3.80
N ASN A 68 -22.42 4.57 3.36
CA ASN A 68 -23.80 4.81 3.85
C ASN A 68 -23.89 4.52 5.33
N ARG A 69 -24.79 5.19 6.04
CA ARG A 69 -24.98 4.91 7.46
C ARG A 69 -25.50 3.49 7.68
N ILE A 70 -25.10 2.88 8.77
CA ILE A 70 -25.57 1.55 9.15
C ILE A 70 -27.06 1.65 9.53
N SER A 71 -27.55 2.87 9.64
CA SER A 71 -28.91 3.12 10.09
C SER A 71 -29.79 3.75 8.98
N ALA A 72 -29.39 3.60 7.72
CA ALA A 72 -30.26 3.95 6.61
C ALA A 72 -31.63 3.24 6.76
N GLU A 73 -32.70 3.94 6.40
CA GLU A 73 -34.06 3.42 6.63
C GLU A 73 -34.23 2.11 5.89
N ASN A 74 -33.91 2.13 4.61
CA ASN A 74 -33.98 0.95 3.78
C ASN A 74 -32.78 0.02 3.99
N PRO A 75 -33.04 -1.21 4.48
CA PRO A 75 -31.96 -2.16 4.72
C PRO A 75 -31.06 -2.37 3.49
N GLN A 76 -31.56 -2.08 2.31
CA GLN A 76 -30.76 -2.31 1.12
C GLN A 76 -29.73 -1.20 0.95
N ASP A 77 -29.82 -0.21 1.82
CA ASP A 77 -29.03 1.02 1.67
C ASP A 77 -27.96 1.11 2.73
N ARG A 78 -28.03 0.23 3.72
CA ARG A 78 -27.19 0.33 4.92
C ARG A 78 -25.74 0.00 4.61
N GLY A 79 -24.86 0.93 4.98
CA GLY A 79 -23.42 0.71 4.89
C GLY A 79 -22.87 0.43 6.25
N LEU A 80 -21.66 0.93 6.50
CA LEU A 80 -20.87 0.62 7.68
C LEU A 80 -20.64 1.88 8.51
N ALA A 81 -21.01 3.03 7.94
CA ALA A 81 -20.73 4.33 8.53
C ALA A 81 -21.53 4.57 9.80
N PHE A 82 -20.94 5.36 10.71
CA PHE A 82 -21.66 5.81 11.90
C PHE A 82 -23.11 6.21 11.64
N PRO A 83 -24.06 5.74 12.50
CA PRO A 83 -25.43 6.26 12.42
C PRO A 83 -25.49 7.76 12.72
N ASP A 84 -26.64 8.37 12.44
CA ASP A 84 -26.84 9.79 12.69
C ASP A 84 -27.30 10.06 14.12
N THR A 85 -27.46 9.03 14.93
CA THR A 85 -27.84 9.20 16.34
C THR A 85 -26.85 8.57 17.33
N ILE A 107 -23.52 16.03 15.09
CA ILE A 107 -23.49 14.66 14.59
C ILE A 107 -22.04 14.20 14.36
N LEU A 108 -21.66 13.10 15.01
CA LEU A 108 -20.28 12.69 15.02
C LEU A 108 -19.69 12.56 13.61
N SER A 109 -20.53 12.35 12.59
CA SER A 109 -20.04 11.78 11.32
C SER A 109 -21.04 11.84 10.15
N PRO A 110 -20.56 12.07 8.91
CA PRO A 110 -19.19 12.42 8.51
C PRO A 110 -18.93 13.89 8.85
N VAL A 111 -17.67 14.29 8.94
CA VAL A 111 -17.34 15.71 9.12
C VAL A 111 -16.42 16.15 7.97
N SER A 112 -16.38 17.43 7.67
CA SER A 112 -15.59 17.90 6.54
C SER A 112 -14.16 18.16 6.99
N ALA A 113 -13.21 18.15 6.06
CA ALA A 113 -11.83 18.55 6.35
C ALA A 113 -11.77 19.93 7.01
N ALA A 114 -12.65 20.84 6.56
CA ALA A 114 -12.69 22.21 7.09
C ALA A 114 -13.19 22.21 8.54
N ASP A 115 -14.22 21.42 8.80
CA ASP A 115 -14.70 21.21 10.18
C ASP A 115 -13.58 20.83 11.15
N LEU A 116 -12.79 19.85 10.76
CA LEU A 116 -11.68 19.39 11.55
C LEU A 116 -10.65 20.52 11.80
N VAL A 117 -10.33 21.32 10.77
CA VAL A 117 -9.51 22.52 11.05
C VAL A 117 -10.20 23.57 11.97
N ARG A 118 -11.50 23.75 11.78
CA ARG A 118 -12.32 24.62 12.65
C ARG A 118 -12.09 24.16 14.12
N TRP A 119 -12.02 22.83 14.33
CA TRP A 119 -11.98 22.23 15.67
C TRP A 119 -10.61 22.11 16.26
N GLY A 120 -9.63 22.66 15.58
CA GLY A 120 -8.31 22.78 16.15
C GLY A 120 -7.29 21.76 15.70
N TYR A 121 -7.68 20.85 14.78
CA TYR A 121 -6.77 19.79 14.32
C TYR A 121 -5.73 20.34 13.39
N ASP A 122 -4.48 19.91 13.55
CA ASP A 122 -3.32 20.62 12.98
C ASP A 122 -2.48 19.82 11.99
N GLY A 123 -2.90 18.62 11.57
CA GLY A 123 -2.09 17.86 10.60
C GLY A 123 -2.70 17.96 9.22
N ASN A 124 -2.28 17.10 8.28
CA ASN A 124 -3.03 17.01 7.03
C ASN A 124 -4.39 16.40 7.24
N ASP A 125 -5.21 16.38 6.20
CA ASP A 125 -6.59 15.92 6.33
C ASP A 125 -6.72 14.46 6.79
N VAL A 126 -5.92 13.58 6.20
CA VAL A 126 -5.93 12.20 6.58
C VAL A 126 -5.51 12.06 8.06
N ALA A 127 -4.47 12.77 8.46
CA ALA A 127 -4.07 12.76 9.88
C ALA A 127 -5.16 13.33 10.79
N ASN A 128 -5.80 14.42 10.37
CA ASN A 128 -6.85 14.99 11.18
C ASN A 128 -8.00 13.98 11.40
N CYS A 129 -8.35 13.27 10.33
CA CYS A 129 -9.43 12.32 10.36
C CYS A 129 -9.08 11.18 11.34
N ALA A 130 -7.83 10.76 11.34
CA ALA A 130 -7.36 9.66 12.22
C ALA A 130 -7.40 10.09 13.68
N GLU A 131 -6.94 11.31 13.94
CA GLU A 131 -6.94 11.87 15.30
C GLU A 131 -8.38 12.07 15.77
N TYR A 132 -9.25 12.44 14.85
CA TYR A 132 -10.62 12.64 15.21
C TYR A 132 -11.27 11.29 15.59
N ALA A 133 -11.00 10.25 14.80
CA ALA A 133 -11.45 8.91 15.14
C ALA A 133 -10.89 8.50 16.52
N GLY A 134 -9.66 8.93 16.82
CA GLY A 134 -9.03 8.64 18.12
C GLY A 134 -9.62 9.33 19.34
N ASN A 135 -10.44 10.36 19.12
CA ASN A 135 -11.10 11.11 20.20
C ASN A 135 -12.58 10.74 20.40
N ILE A 136 -13.07 9.75 19.68
CA ILE A 136 -14.50 9.35 19.77
C ILE A 136 -14.53 8.09 20.61
N ILE A 137 -15.07 8.22 21.82
CA ILE A 137 -15.06 7.09 22.76
C ILE A 137 -16.40 6.40 22.83
N PRO A 138 -16.40 5.06 22.77
CA PRO A 138 -17.64 4.27 22.85
C PRO A 138 -18.47 4.59 24.10
N ALA A 139 -19.76 4.86 23.91
CA ALA A 139 -20.69 5.20 25.00
C ALA A 139 -20.70 4.15 26.11
N SER A 140 -20.76 2.89 25.73
CA SER A 140 -20.94 1.79 26.68
C SER A 140 -19.84 1.72 27.74
N ASP A 141 -18.70 2.35 27.46
CA ASP A 141 -17.60 2.35 28.41
C ASP A 141 -16.66 3.49 28.13
N THR A 142 -16.62 4.44 29.06
CA THR A 142 -16.03 5.75 28.82
C THR A 142 -14.52 5.73 29.04
N ALA A 143 -14.01 4.61 29.55
CA ALA A 143 -12.57 4.46 29.77
C ALA A 143 -11.90 3.48 28.78
N THR A 144 -12.64 2.94 27.82
CA THR A 144 -12.03 2.02 26.86
C THR A 144 -10.97 2.70 26.00
N LYS A 145 -9.92 1.96 25.68
CA LYS A 145 -8.95 2.35 24.68
C LYS A 145 -9.44 1.96 23.26
N TYR A 146 -10.64 1.38 23.20
CA TYR A 146 -11.23 0.96 21.93
C TYR A 146 -11.58 2.16 21.05
N ARG A 147 -11.21 2.08 19.77
CA ARG A 147 -11.50 3.15 18.81
C ARG A 147 -11.97 2.58 17.48
N TYR A 148 -12.82 3.32 16.78
CA TYR A 148 -13.39 2.85 15.52
C TYR A 148 -12.44 3.19 14.37
N PRO A 149 -12.56 2.51 13.21
CA PRO A 149 -11.82 2.94 12.03
C PRO A 149 -12.42 4.21 11.39
N PHE A 150 -11.63 4.89 10.56
CA PHE A 150 -12.12 5.97 9.72
C PHE A 150 -11.92 5.65 8.22
N VAL A 151 -12.62 6.36 7.34
CA VAL A 151 -12.29 6.36 5.93
C VAL A 151 -12.31 7.82 5.54
N TYR A 152 -11.22 8.34 5.03
CA TYR A 152 -11.23 9.73 4.61
C TYR A 152 -11.41 9.76 3.09
N ASP A 153 -12.42 10.50 2.62
CA ASP A 153 -12.66 10.77 1.18
C ASP A 153 -11.98 12.07 0.72
N ALA A 154 -10.85 11.96 0.03
CA ALA A 154 -10.09 13.13 -0.36
C ALA A 154 -10.76 13.93 -1.50
N LYS A 155 -11.68 13.29 -2.22
CA LYS A 155 -12.38 13.95 -3.32
C LYS A 155 -13.48 14.84 -2.75
N GLU A 156 -14.30 14.28 -1.86
CA GLU A 156 -15.35 15.05 -1.22
C GLU A 156 -14.82 15.81 0.03
N GLU A 157 -13.56 15.57 0.39
CA GLU A 157 -12.97 16.06 1.65
C GLU A 157 -13.85 15.85 2.87
N MET A 158 -14.23 14.59 3.09
CA MET A 158 -15.13 14.24 4.16
C MET A 158 -14.53 13.08 4.93
N CYS A 159 -14.67 13.15 6.25
CA CYS A 159 -14.12 12.18 7.16
C CYS A 159 -15.27 11.30 7.68
N HIS A 160 -15.21 10.00 7.41
CA HIS A 160 -16.22 9.06 7.88
C HIS A 160 -15.71 8.19 9.00
N ILE A 161 -16.49 8.08 10.05
CA ILE A 161 -16.19 7.12 11.08
C ILE A 161 -17.07 5.89 10.85
N LEU A 162 -16.45 4.73 10.87
CA LEU A 162 -17.14 3.49 10.69
C LEU A 162 -17.66 3.03 12.03
N PHE A 163 -18.82 2.38 12.03
CA PHE A 163 -19.45 1.89 13.25
C PHE A 163 -18.95 0.50 13.64
N THR A 164 -18.22 -0.16 12.75
CA THR A 164 -17.72 -1.52 13.02
C THR A 164 -16.33 -1.70 12.42
N PRO A 165 -15.47 -2.50 13.09
CA PRO A 165 -14.18 -2.80 12.47
C PRO A 165 -14.27 -3.98 11.50
N MET A 166 -15.46 -4.57 11.33
CA MET A 166 -15.62 -5.68 10.38
C MET A 166 -15.18 -5.33 8.97
N GLN A 167 -14.47 -6.24 8.33
CA GLN A 167 -13.91 -5.97 7.02
C GLN A 167 -14.08 -7.17 6.13
N TYR A 168 -14.07 -8.34 6.72
CA TYR A 168 -14.17 -9.59 5.96
C TYR A 168 -15.08 -10.59 6.66
N ASN A 169 -16.07 -11.10 5.94
CA ASN A 169 -16.99 -12.08 6.50
C ASN A 169 -17.66 -12.86 5.38
N ARG A 170 -17.27 -14.13 5.25
CA ARG A 170 -17.66 -14.98 4.11
C ARG A 170 -17.77 -14.22 2.78
N THR A 185 -28.84 -10.45 -3.49
CA THR A 185 -28.07 -9.67 -2.52
C THR A 185 -28.30 -10.19 -1.09
N SER A 186 -27.21 -10.46 -0.37
CA SER A 186 -27.30 -10.92 1.01
C SER A 186 -27.49 -9.74 1.94
N SER A 187 -27.13 -9.93 3.21
CA SER A 187 -27.05 -8.83 4.14
C SER A 187 -25.74 -8.05 3.96
N LEU A 188 -25.77 -6.82 4.44
CA LEU A 188 -24.56 -6.04 4.67
C LEU A 188 -23.44 -6.85 5.36
N LEU A 189 -23.80 -7.84 6.18
CA LEU A 189 -22.83 -8.59 6.99
C LEU A 189 -21.99 -9.55 6.18
N CYS A 190 -22.33 -9.69 4.90
CA CYS A 190 -21.52 -10.48 3.99
C CYS A 190 -20.61 -9.52 3.25
N MET A 191 -19.30 -9.63 3.49
CA MET A 191 -18.41 -8.55 3.07
C MET A 191 -16.99 -9.01 2.79
N GLU A 192 -16.32 -8.27 1.91
CA GLU A 192 -14.87 -8.37 1.77
C GLU A 192 -14.28 -7.05 1.33
N PRO A 193 -13.00 -6.80 1.70
CA PRO A 193 -12.25 -5.62 1.23
C PRO A 193 -11.90 -5.73 -0.25
N MET A 194 -11.86 -4.60 -0.94
CA MET A 194 -11.15 -4.56 -2.19
C MET A 194 -10.40 -3.26 -2.45
N LYS A 195 -9.34 -3.37 -3.24
CA LYS A 195 -8.53 -2.25 -3.67
C LYS A 195 -9.16 -1.68 -4.94
N SER A 196 -9.58 -0.42 -4.89
CA SER A 196 -10.40 0.08 -5.97
C SER A 196 -9.74 1.25 -6.63
N GLY A 197 -9.48 1.14 -7.92
CA GLY A 197 -8.89 2.23 -8.66
C GLY A 197 -9.71 3.50 -8.62
N ILE A 198 -11.03 3.41 -8.84
CA ILE A 198 -11.81 4.62 -8.93
C ILE A 198 -12.07 5.21 -7.57
N ASP A 199 -11.92 4.40 -6.52
CA ASP A 199 -11.95 4.94 -5.18
C ASP A 199 -10.56 5.17 -4.62
N ALA A 200 -9.61 5.44 -5.52
CA ALA A 200 -8.23 5.53 -5.11
C ALA A 200 -8.06 6.67 -4.10
N HIS A 201 -9.08 7.50 -3.99
CA HIS A 201 -8.98 8.77 -3.27
C HIS A 201 -9.52 8.57 -1.87
N LEU A 202 -9.98 7.36 -1.59
CA LEU A 202 -10.41 6.97 -0.24
C LEU A 202 -9.22 6.40 0.55
N TYR A 203 -9.18 6.73 1.85
CA TYR A 203 -8.15 6.24 2.75
C TYR A 203 -8.82 5.55 3.93
N TYR A 204 -8.67 4.24 4.02
CA TYR A 204 -9.12 3.47 5.19
C TYR A 204 -7.98 3.42 6.21
N GLY A 205 -8.28 3.69 7.46
CA GLY A 205 -7.22 3.58 8.46
C GLY A 205 -7.75 3.47 9.85
N SER A 206 -6.81 3.45 10.80
CA SER A 206 -7.13 3.33 12.18
C SER A 206 -6.71 4.63 12.84
N SER A 207 -7.07 4.81 14.09
CA SER A 207 -6.75 6.03 14.81
C SER A 207 -5.26 6.15 15.14
N ARG A 208 -4.47 5.14 14.79
CA ARG A 208 -3.05 5.18 15.06
C ARG A 208 -2.20 5.57 13.87
N VAL A 209 -2.85 6.09 12.84
CA VAL A 209 -2.15 6.54 11.66
C VAL A 209 -1.12 7.59 12.04
N ASP A 210 0.12 7.28 11.68
CA ASP A 210 1.26 8.19 11.75
C ASP A 210 0.89 9.61 11.23
N LYS A 211 1.08 10.65 12.06
CA LYS A 211 0.94 12.04 11.61
C LYS A 211 1.79 12.28 10.37
N LYS A 212 2.91 11.56 10.30
CA LYS A 212 3.81 11.72 9.18
C LYS A 212 3.65 10.56 8.19
N TRP A 213 2.43 10.03 8.09
CA TRP A 213 2.14 8.93 7.14
C TRP A 213 2.72 9.18 5.77
N GLU A 214 2.64 10.42 5.31
CA GLU A 214 3.07 10.75 3.95
C GLU A 214 4.54 10.56 3.69
N GLU A 215 5.38 10.69 4.70
CA GLU A 215 6.81 10.49 4.50
C GLU A 215 7.27 9.10 4.99
N ASN A 216 6.51 8.50 5.90
CA ASN A 216 6.94 7.28 6.60
C ASN A 216 6.37 5.99 6.02
N CYS A 217 5.36 6.14 5.17
CA CYS A 217 4.59 5.02 4.60
C CYS A 217 4.81 5.04 3.10
N PRO A 218 4.81 3.87 2.44
CA PRO A 218 5.00 3.86 0.98
C PRO A 218 3.68 4.14 0.25
N MET A 219 3.28 5.41 0.17
CA MET A 219 1.96 5.77 -0.36
C MET A 219 1.89 5.81 -1.88
N TYR A 220 3.05 5.83 -2.54
CA TYR A 220 3.04 6.00 -3.99
C TYR A 220 3.82 4.94 -4.75
N PRO A 221 3.24 4.43 -5.85
CA PRO A 221 4.04 3.65 -6.77
C PRO A 221 5.35 4.41 -7.13
N VAL A 222 6.48 3.70 -7.18
CA VAL A 222 7.70 4.29 -7.69
C VAL A 222 7.86 3.95 -9.18
N LYS A 223 7.83 5.00 -10.01
CA LYS A 223 7.91 4.87 -11.47
C LYS A 223 9.29 4.38 -11.86
N ASP A 224 9.36 3.56 -12.91
CA ASP A 224 10.63 3.05 -13.47
C ASP A 224 11.43 2.22 -12.49
N ALA A 225 10.74 1.49 -11.61
CA ALA A 225 11.40 0.76 -10.51
C ALA A 225 10.94 -0.66 -10.39
N ILE A 226 11.88 -1.52 -10.06
CA ILE A 226 11.64 -2.90 -9.70
C ILE A 226 12.19 -3.08 -8.29
N PHE A 227 11.42 -3.73 -7.43
CA PHE A 227 11.85 -4.01 -6.04
C PHE A 227 12.97 -5.05 -6.00
N GLY A 228 13.98 -4.83 -5.17
CA GLY A 228 15.05 -5.81 -5.00
C GLY A 228 15.56 -5.93 -3.58
N ARG A 229 16.46 -6.89 -3.36
CA ARG A 229 17.28 -6.90 -2.16
C ARG A 229 18.77 -6.88 -2.50
N GLY A 230 19.54 -6.21 -1.67
CA GLY A 230 20.98 -6.15 -1.83
C GLY A 230 21.58 -7.53 -1.83
N ALA A 231 22.49 -7.77 -2.78
CA ALA A 231 23.30 -8.97 -2.76
C ALA A 231 24.61 -8.75 -3.51
N ASN A 232 25.73 -9.00 -2.81
CA ASN A 232 27.05 -8.95 -3.42
C ASN A 232 27.33 -7.62 -4.11
N GLY A 233 26.86 -6.53 -3.50
CA GLY A 233 27.18 -5.18 -3.97
C GLY A 233 26.30 -4.67 -5.10
N SER A 234 25.26 -5.44 -5.43
CA SER A 234 24.28 -5.01 -6.40
C SER A 234 22.87 -5.10 -5.81
N CYS A 235 21.91 -4.50 -6.50
CA CYS A 235 20.52 -4.69 -6.15
C CYS A 235 19.92 -5.76 -7.07
N VAL A 236 19.44 -6.85 -6.48
CA VAL A 236 18.89 -7.96 -7.26
C VAL A 236 17.34 -8.02 -7.16
N ALA A 237 16.66 -8.04 -8.30
CA ALA A 237 15.22 -8.18 -8.37
C ALA A 237 14.73 -9.34 -7.50
N ILE A 238 13.68 -9.09 -6.72
CA ILE A 238 13.09 -10.11 -5.84
C ILE A 238 12.18 -11.05 -6.65
N GLU A 239 12.31 -12.35 -6.41
CA GLU A 239 11.52 -13.37 -7.12
C GLU A 239 10.04 -13.26 -6.78
N SER A 240 9.20 -13.61 -7.74
CA SER A 240 7.77 -13.50 -7.57
C SER A 240 7.31 -14.56 -6.58
N ALA A 241 6.37 -14.20 -5.71
CA ALA A 241 5.58 -15.20 -5.01
C ALA A 241 4.61 -15.83 -5.99
N PHE A 242 3.98 -15.00 -6.82
CA PHE A 242 3.24 -15.52 -7.97
C PHE A 242 3.13 -14.39 -8.96
N GLU A 243 2.83 -14.74 -10.22
CA GLU A 243 2.75 -13.74 -11.27
C GLU A 243 1.50 -13.94 -12.07
N GLU A 244 0.98 -12.85 -12.63
CA GLU A 244 -0.14 -12.87 -13.58
C GLU A 244 -0.13 -11.62 -14.44
N PHE A 245 -0.54 -11.80 -15.70
CA PHE A 245 -0.75 -10.68 -16.60
C PHE A 245 -2.00 -9.95 -16.18
N THR A 246 -1.91 -8.62 -16.05
CA THR A 246 -3.06 -7.82 -15.68
C THR A 246 -3.19 -6.67 -16.68
N ARG A 247 -4.36 -6.04 -16.74
CA ARG A 247 -4.68 -5.07 -17.78
C ARG A 247 -4.10 -3.70 -17.46
N ASP A 248 -3.81 -3.45 -16.19
CA ASP A 248 -3.28 -2.14 -15.78
C ASP A 248 -2.71 -2.23 -14.36
N ALA A 249 -1.99 -1.20 -13.94
CA ALA A 249 -1.47 -1.09 -12.57
C ALA A 249 -2.55 -1.34 -11.53
N GLU A 250 -3.73 -0.76 -11.72
CA GLU A 250 -4.83 -0.98 -10.73
C GLU A 250 -5.23 -2.45 -10.51
N GLU A 251 -5.33 -3.20 -11.60
CA GLU A 251 -5.62 -4.61 -11.52
C GLU A 251 -4.48 -5.32 -10.78
N CYS A 252 -3.25 -5.05 -11.17
CA CYS A 252 -2.10 -5.58 -10.44
C CYS A 252 -2.18 -5.24 -8.93
N SER A 253 -2.52 -3.98 -8.63
CA SER A 253 -2.66 -3.55 -7.28
C SER A 253 -3.74 -4.37 -6.55
N ALA A 254 -4.88 -4.60 -7.22
CA ALA A 254 -6.00 -5.31 -6.55
C ALA A 254 -5.67 -6.78 -6.28
N LEU A 255 -4.88 -7.37 -7.18
CA LEU A 255 -4.45 -8.77 -7.09
C LEU A 255 -3.54 -8.98 -5.88
N MET A 256 -2.56 -8.07 -5.75
CA MET A 256 -1.63 -8.11 -4.63
C MET A 256 -2.37 -7.85 -3.30
N PHE A 257 -3.24 -6.83 -3.30
CA PHE A 257 -3.98 -6.46 -2.09
C PHE A 257 -4.73 -7.66 -1.45
N GLU A 258 -5.34 -8.50 -2.29
CA GLU A 258 -6.09 -9.66 -1.81
C GLU A 258 -5.21 -10.61 -1.00
N ASN A 259 -3.89 -10.53 -1.21
CA ASN A 259 -2.91 -11.46 -0.64
C ASN A 259 -2.03 -10.77 0.38
N ALA A 260 -2.36 -9.50 0.65
CA ALA A 260 -1.55 -8.67 1.53
C ALA A 260 -1.80 -9.12 2.96
N ALA A 261 -1.03 -8.57 3.88
CA ALA A 261 -1.20 -8.81 5.31
C ALA A 261 -2.67 -8.73 5.72
N ALA A 262 -3.12 -9.78 6.42
CA ALA A 262 -4.53 -9.95 6.82
C ALA A 262 -4.57 -10.50 8.22
N ASP A 263 -5.22 -9.80 9.14
CA ASP A 263 -5.30 -10.24 10.53
C ASP A 263 -6.46 -11.25 10.81
N LEU A 264 -6.86 -12.04 9.82
CA LEU A 264 -7.68 -13.22 10.09
C LEU A 264 -7.63 -14.21 8.92
N GLU A 265 -8.22 -15.38 9.12
CA GLU A 265 -8.36 -16.40 8.07
C GLU A 265 -9.40 -15.98 7.02
N SER A 305 -3.51 -12.40 20.83
CA SER A 305 -4.11 -13.47 20.02
C SER A 305 -3.30 -13.79 18.75
N ALA A 306 -3.58 -14.95 18.16
CA ALA A 306 -2.68 -15.60 17.20
C ALA A 306 -3.07 -15.33 15.75
N LYS A 307 -4.14 -14.56 15.55
CA LYS A 307 -4.66 -14.29 14.22
C LYS A 307 -4.00 -13.07 13.58
N ASN A 308 -2.97 -12.55 14.23
CA ASN A 308 -2.34 -11.27 13.82
C ASN A 308 -1.13 -11.39 12.88
N SER A 309 -1.15 -10.62 11.79
CA SER A 309 -0.14 -10.71 10.74
C SER A 309 1.16 -9.97 11.12
N LYS A 310 1.08 -9.04 12.08
CA LYS A 310 2.17 -8.11 12.33
C LYS A 310 2.64 -7.33 11.09
N GLY A 311 1.79 -7.20 10.07
CA GLY A 311 2.19 -6.56 8.81
C GLY A 311 2.85 -7.45 7.77
N VAL A 312 2.82 -8.76 8.00
CA VAL A 312 3.52 -9.73 7.16
C VAL A 312 2.54 -10.31 6.15
N GLY A 313 2.95 -10.32 4.88
CA GLY A 313 2.09 -10.73 3.79
C GLY A 313 2.67 -10.39 2.43
N MET A 314 1.96 -10.71 1.37
CA MET A 314 2.44 -10.29 0.05
C MET A 314 2.06 -8.86 -0.22
N ASN A 315 2.91 -7.93 0.22
CA ASN A 315 2.56 -6.50 0.35
C ASN A 315 3.04 -5.57 -0.78
N TRP A 316 3.73 -6.12 -1.76
CA TRP A 316 4.45 -5.32 -2.78
C TRP A 316 4.32 -6.05 -4.07
N ALA A 317 4.29 -5.29 -5.16
CA ALA A 317 4.21 -5.87 -6.51
C ALA A 317 4.97 -5.01 -7.52
N ASN A 318 5.49 -5.67 -8.54
CA ASN A 318 6.10 -5.00 -9.69
C ASN A 318 5.19 -5.11 -10.86
N TYR A 319 4.78 -3.97 -11.38
CA TYR A 319 3.93 -3.95 -12.53
C TYR A 319 4.72 -3.43 -13.71
N ASP A 320 4.90 -4.27 -14.72
CA ASP A 320 5.62 -3.89 -15.93
C ASP A 320 4.60 -3.34 -16.92
N SER A 321 4.59 -2.02 -17.10
CA SER A 321 3.57 -1.43 -17.97
C SER A 321 3.78 -1.73 -19.46
N ASN A 322 4.95 -2.23 -19.85
CA ASN A 322 5.20 -2.66 -21.24
C ASN A 322 4.64 -4.04 -21.57
N THR A 323 4.64 -4.94 -20.58
CA THR A 323 4.17 -6.31 -20.80
C THR A 323 2.82 -6.59 -20.12
N GLY A 324 2.52 -5.82 -19.08
CA GLY A 324 1.37 -6.11 -18.23
C GLY A 324 1.64 -7.20 -17.20
N LEU A 325 2.87 -7.67 -17.09
CA LEU A 325 3.12 -8.69 -16.10
C LEU A 325 3.16 -8.10 -14.69
N CYS A 326 2.27 -8.60 -13.84
CA CYS A 326 2.23 -8.23 -12.45
C CYS A 326 2.95 -9.31 -11.61
N ARG A 327 4.06 -8.97 -10.98
CA ARG A 327 4.76 -9.92 -10.13
C ARG A 327 4.54 -9.59 -8.66
N VAL A 328 3.73 -10.37 -7.95
CA VAL A 328 3.59 -10.12 -6.54
C VAL A 328 4.62 -10.87 -5.69
N ILE A 329 5.18 -10.13 -4.73
CA ILE A 329 6.32 -10.60 -3.94
C ILE A 329 6.02 -10.58 -2.44
N GLU A 330 6.77 -11.36 -1.68
CA GLU A 330 6.50 -11.49 -0.28
C GLU A 330 7.71 -11.27 0.60
N GLU A 331 8.85 -10.95 -0.01
CA GLU A 331 10.04 -10.59 0.75
C GLU A 331 10.12 -9.08 0.84
N THR A 332 10.68 -8.61 1.95
CA THR A 332 10.76 -7.17 2.19
C THR A 332 11.81 -6.56 1.25
N PRO A 333 11.41 -5.56 0.44
CA PRO A 333 12.42 -4.95 -0.41
C PRO A 333 13.34 -4.04 0.41
N ASN A 334 14.61 -3.95 0.01
CA ASN A 334 15.54 -2.99 0.62
C ASN A 334 16.42 -2.25 -0.39
N CYS A 335 16.09 -2.42 -1.68
CA CYS A 335 16.62 -1.54 -2.75
C CYS A 335 15.74 -1.60 -4.00
N LEU A 336 16.03 -0.73 -4.96
CA LEU A 336 15.29 -0.68 -6.22
C LEU A 336 16.29 -0.86 -7.39
N ILE A 337 15.82 -1.44 -8.48
CA ILE A 337 16.53 -1.52 -9.74
C ILE A 337 15.82 -0.58 -10.73
N ILE A 338 16.55 0.26 -11.46
CA ILE A 338 15.87 1.10 -12.43
C ILE A 338 15.52 0.32 -13.68
N ASP A 339 14.33 0.57 -14.21
CA ASP A 339 13.83 -0.11 -15.40
C ASP A 339 12.61 0.62 -15.94
N ALA A 340 12.74 1.24 -17.11
CA ALA A 340 11.67 2.05 -17.70
C ALA A 340 10.40 1.27 -17.87
N GLY A 341 9.27 1.90 -17.53
CA GLY A 341 7.96 1.28 -17.67
C GLY A 341 7.52 0.38 -16.50
N SER A 342 8.42 0.10 -15.57
CA SER A 342 8.05 -0.70 -14.42
C SER A 342 7.57 0.12 -13.21
N PHE A 343 6.56 -0.40 -12.50
CA PHE A 343 6.03 0.33 -11.32
C PHE A 343 6.12 -0.52 -10.05
N ALA A 344 6.73 0.02 -9.01
CA ALA A 344 6.91 -0.73 -7.78
C ALA A 344 5.81 -0.29 -6.86
N MET A 345 4.85 -1.17 -6.61
CA MET A 345 3.62 -0.82 -5.90
C MET A 345 3.51 -1.55 -4.56
N THR A 346 2.74 -0.98 -3.61
CA THR A 346 2.54 -1.63 -2.34
C THR A 346 1.04 -1.71 -1.98
N ALA A 347 0.70 -2.63 -1.07
CA ALA A 347 -0.68 -2.84 -0.66
C ALA A 347 -1.29 -1.61 0.06
N VAL A 348 -0.48 -0.70 0.60
CA VAL A 348 -1.11 0.46 1.29
C VAL A 348 -1.27 1.67 0.38
N GLY A 349 -0.48 1.70 -0.69
CA GLY A 349 -0.30 2.87 -1.52
C GLY A 349 -1.32 2.94 -2.64
N SER A 350 -1.33 4.07 -3.33
CA SER A 350 -2.19 4.24 -4.47
C SER A 350 -2.10 3.07 -5.47
N PRO A 351 -3.25 2.64 -5.99
CA PRO A 351 -3.30 1.70 -7.13
C PRO A 351 -3.05 2.33 -8.52
N LEU A 352 -2.89 3.65 -8.61
CA LEU A 352 -2.89 4.39 -9.91
C LEU A 352 -1.50 4.74 -10.35
N GLU A 353 -1.17 4.41 -11.59
CA GLU A 353 0.08 4.93 -12.20
C GLU A 353 0.17 6.42 -12.05
N GLN A 354 -0.97 7.11 -12.18
CA GLN A 354 -0.94 8.58 -12.13
C GLN A 354 -0.29 9.08 -10.86
N ASP A 355 -0.32 8.29 -9.79
CA ASP A 355 0.04 8.81 -8.49
C ASP A 355 1.47 8.51 -8.18
N ALA A 356 2.17 8.00 -9.16
CA ALA A 356 3.54 7.63 -8.93
C ALA A 356 4.51 8.78 -8.64
N VAL A 357 5.64 8.39 -8.10
CA VAL A 357 6.66 9.26 -7.64
C VAL A 357 7.87 8.80 -8.44
N PRO A 358 8.69 9.74 -8.94
CA PRO A 358 9.79 9.31 -9.81
C PRO A 358 10.81 8.45 -9.07
N PHE A 359 11.47 7.54 -9.79
CA PHE A 359 12.66 6.83 -9.27
C PHE A 359 13.62 7.83 -8.62
N PRO A 360 14.28 7.46 -7.48
CA PRO A 360 15.14 8.48 -6.87
C PRO A 360 16.54 8.53 -7.51
N CYS A 361 16.68 9.36 -8.54
CA CYS A 361 17.87 9.40 -9.39
C CYS A 361 19.16 9.56 -8.63
N ASP A 362 19.09 10.18 -7.47
CA ASP A 362 20.30 10.45 -6.71
C ASP A 362 20.87 9.23 -5.98
N ILE A 363 20.14 8.12 -5.92
CA ILE A 363 20.63 6.92 -5.20
C ILE A 363 21.09 5.87 -6.21
N VAL A 364 22.39 5.65 -6.30
CA VAL A 364 22.98 5.01 -7.47
C VAL A 364 23.62 3.67 -7.09
N THR A 365 23.18 2.60 -7.76
CA THR A 365 23.69 1.25 -7.52
C THR A 365 23.52 0.44 -8.81
N ASN A 366 24.25 -0.66 -8.95
CA ASN A 366 24.02 -1.60 -10.05
C ASN A 366 22.84 -2.59 -9.76
N GLY A 367 21.91 -2.73 -10.70
CA GLY A 367 20.77 -3.61 -10.49
C GLY A 367 20.65 -4.76 -11.49
N TYR A 368 20.20 -5.92 -11.02
CA TYR A 368 19.70 -6.97 -11.92
C TYR A 368 18.20 -6.90 -12.05
N ILE A 369 17.71 -6.74 -13.28
CA ILE A 369 16.27 -6.66 -13.52
C ILE A 369 15.52 -8.00 -13.29
N GLU A 370 16.17 -9.13 -13.59
CA GLU A 370 15.55 -10.44 -13.47
C GLU A 370 15.90 -11.06 -12.13
N PRO A 371 14.91 -11.68 -11.48
CA PRO A 371 15.12 -12.49 -10.28
C PRO A 371 16.12 -13.62 -10.50
N ARG A 372 16.48 -14.30 -9.43
CA ARG A 372 17.14 -15.60 -9.56
C ARG A 372 16.47 -16.64 -8.66
N PRO A 373 15.30 -17.14 -9.08
CA PRO A 373 14.60 -18.13 -8.25
C PRO A 373 15.28 -19.50 -8.32
N ARG A 374 15.05 -20.32 -7.29
CA ARG A 374 15.34 -21.75 -7.38
C ARG A 374 14.87 -22.31 -8.74
N SER A 375 15.75 -23.03 -9.44
CA SER A 375 15.37 -23.63 -10.73
C SER A 375 16.25 -24.80 -11.19
N ARG A 376 15.63 -25.79 -11.83
CA ARG A 376 16.37 -26.83 -12.56
C ARG A 376 16.31 -26.61 -14.08
N HIS A 377 16.39 -25.34 -14.48
CA HIS A 377 16.67 -24.92 -15.87
C HIS A 377 15.46 -25.02 -16.74
N ILE A 383 20.30 -17.59 -19.26
CA ILE A 383 21.44 -17.18 -20.09
C ILE A 383 22.14 -15.93 -19.54
N PHE A 384 21.98 -14.80 -20.23
CA PHE A 384 22.68 -13.57 -19.88
C PHE A 384 21.83 -12.67 -19.01
N GLU A 385 22.45 -12.14 -17.96
CA GLU A 385 21.73 -11.39 -16.94
C GLU A 385 21.88 -9.88 -17.12
N VAL A 386 20.89 -9.26 -17.76
CA VAL A 386 20.81 -7.83 -17.87
C VAL A 386 20.97 -7.09 -16.53
N THR A 387 21.90 -6.14 -16.49
CA THR A 387 22.04 -5.22 -15.36
C THR A 387 21.65 -3.82 -15.80
N THR A 388 21.18 -2.99 -14.86
CA THR A 388 20.95 -1.56 -15.13
C THR A 388 21.59 -0.69 -14.05
N ALA A 389 21.74 0.60 -14.36
CA ALA A 389 22.35 1.57 -13.45
C ALA A 389 22.13 2.98 -13.97
N LEU A 390 22.10 3.96 -13.06
CA LEU A 390 21.89 5.38 -13.41
C LEU A 390 23.18 6.05 -13.95
N SER A 391 24.32 5.39 -13.78
CA SER A 391 25.60 5.87 -14.28
C SER A 391 26.40 4.75 -14.95
N ARG A 392 27.23 5.13 -15.93
CA ARG A 392 28.08 4.18 -16.67
C ARG A 392 29.14 3.56 -15.76
N GLU A 393 29.65 4.37 -14.83
CA GLU A 393 30.66 3.92 -13.89
C GLU A 393 30.11 2.89 -12.88
N ALA A 394 28.85 3.08 -12.45
CA ALA A 394 28.22 2.16 -11.50
C ALA A 394 27.76 0.83 -12.13
N LEU A 395 27.33 0.91 -13.39
CA LEU A 395 26.93 -0.28 -14.14
C LEU A 395 28.02 -1.35 -14.21
N LYS A 396 27.73 -2.54 -13.69
CA LYS A 396 28.55 -3.71 -13.94
C LYS A 396 28.13 -4.37 -15.24
N CYS A 397 29.06 -4.45 -16.19
CA CYS A 397 28.76 -4.95 -17.54
C CYS A 397 29.94 -5.73 -18.13
N SER A 398 29.62 -6.83 -18.79
CA SER A 398 30.63 -7.69 -19.34
C SER A 398 30.41 -7.84 -20.84
N LYS A 399 29.60 -6.96 -21.41
CA LYS A 399 29.31 -6.98 -22.84
C LYS A 399 29.11 -5.57 -23.32
N TYR A 400 27.99 -5.29 -23.99
CA TYR A 400 27.72 -3.97 -24.52
C TYR A 400 26.92 -3.10 -23.55
N VAL A 401 27.28 -1.82 -23.46
CA VAL A 401 26.50 -0.86 -22.69
C VAL A 401 25.57 -0.11 -23.62
N HIS A 402 24.29 -0.04 -23.25
CA HIS A 402 23.32 0.73 -24.01
C HIS A 402 22.80 1.84 -23.16
N GLU A 403 22.04 2.72 -23.79
CA GLU A 403 21.40 3.80 -23.10
C GLU A 403 19.90 3.70 -23.33
N LYS A 404 19.14 3.93 -22.28
CA LYS A 404 17.70 3.93 -22.37
C LYS A 404 17.15 5.16 -21.69
N TYR A 405 16.05 5.67 -22.22
CA TYR A 405 15.35 6.79 -21.58
C TYR A 405 14.47 6.30 -20.44
N SER A 406 14.47 7.04 -19.34
CA SER A 406 13.44 6.91 -18.29
C SER A 406 12.82 8.27 -17.98
N GLU A 407 11.50 8.31 -17.78
CA GLU A 407 10.83 9.54 -17.35
C GLU A 407 11.37 10.10 -16.03
N SER A 408 11.89 9.23 -15.16
CA SER A 408 12.21 9.64 -13.80
C SER A 408 13.55 10.34 -13.83
N CYS A 409 14.48 9.76 -14.57
CA CYS A 409 15.85 10.18 -14.50
C CYS A 409 16.46 10.47 -15.87
N GLY A 410 15.62 10.63 -16.88
CA GLY A 410 16.11 10.62 -18.26
C GLY A 410 16.96 9.38 -18.52
N THR A 411 18.14 9.57 -19.11
CA THR A 411 18.92 8.47 -19.69
C THR A 411 19.61 7.62 -18.62
N TYR A 412 19.56 6.30 -18.80
CA TYR A 412 20.33 5.42 -17.93
C TYR A 412 20.88 4.28 -18.77
N TYR A 413 21.63 3.40 -18.14
CA TYR A 413 22.45 2.42 -18.85
C TYR A 413 22.09 0.99 -18.50
N TYR A 414 22.16 0.12 -19.51
CA TYR A 414 22.03 -1.31 -19.29
C TYR A 414 23.05 -2.15 -20.08
N CYS A 415 23.27 -3.38 -19.61
CA CYS A 415 24.23 -4.28 -20.20
C CYS A 415 23.57 -5.38 -21.01
N SER A 416 23.84 -5.38 -22.32
CA SER A 416 23.15 -6.25 -23.25
C SER A 416 24.15 -7.06 -24.09
N GLU A 417 23.69 -8.17 -24.66
CA GLU A 417 24.53 -9.01 -25.56
C GLU A 417 24.51 -8.49 -27.00
N GLU A 418 23.49 -7.70 -27.34
CA GLU A 418 23.38 -7.10 -28.66
C GLU A 418 24.34 -5.89 -28.78
N LYS A 419 24.92 -5.69 -29.96
CA LYS A 419 25.69 -4.48 -30.24
C LYS A 419 24.76 -3.30 -30.49
N PRO A 420 25.07 -2.13 -29.90
CA PRO A 420 24.30 -0.93 -30.17
C PRO A 420 24.12 -0.69 -31.67
N SER A 421 22.96 -0.19 -32.06
CA SER A 421 22.68 0.10 -33.47
C SER A 421 23.39 1.39 -33.89
N SER A 422 23.87 2.15 -32.92
CA SER A 422 24.76 3.27 -33.20
C SER A 422 26.04 2.77 -33.88
N TRP A 423 26.63 1.72 -33.32
CA TRP A 423 27.75 1.03 -33.97
C TRP A 423 27.38 0.65 -35.38
#